data_3E1G
#
_entry.id   3E1G
#
_cell.length_a   47.322
_cell.length_b   47.322
_cell.length_c   174.741
_cell.angle_alpha   90.000
_cell.angle_beta   90.000
_cell.angle_gamma   120.000
#
_symmetry.space_group_name_H-M   'P 32 2 1'
#
loop_
_entity.id
_entity.type
_entity.pdbx_description
1 polymer 'Esterase D'
2 non-polymer 'DIETHYL PHOSPHONATE'
3 water water
#
_entity_poly.entity_id   1
_entity_poly.type   'polypeptide(L)'
_entity_poly.pdbx_seq_one_letter_code
;GAMGIRNSIFRKPQPFEYEGTDTGVVLLHAYTGSPNDMNFMARALQRSGYGVYVPLFSGHGTVEPLDILTKGNPDIWWAE
SSAAVAHMTAKYAKVFVFGLSLGGIFAMKALETLPGITAGGVFSSPILPGKHHLVPGFLKYAEYMNRLAGKSDESTQILA
YLPGQLAAIDQFATTVAADLNLVKQPTFIGQAGQDELVDGRLAYQLRDALINAARVDFHWYDDAKHVITVNSAHHALEED
VIAFMQQENEG
;
_entity_poly.pdbx_strand_id   A
#
loop_
_chem_comp.id
_chem_comp.type
_chem_comp.name
_chem_comp.formula
DEP non-polymer 'DIETHYL PHOSPHONATE' 'C4 H11 O3 P'
#
# COMPACT_ATOMS: atom_id res chain seq x y z
N PHE A 10 10.22 6.40 -21.39
CA PHE A 10 9.50 6.02 -20.11
C PHE A 10 10.45 5.26 -19.28
N ARG A 11 10.36 5.44 -17.96
CA ARG A 11 11.33 4.84 -17.07
C ARG A 11 10.67 3.86 -16.11
N LYS A 12 11.08 2.58 -16.21
CA LYS A 12 10.65 1.60 -15.27
C LYS A 12 11.19 1.95 -13.88
N PRO A 13 10.29 2.23 -12.93
CA PRO A 13 10.68 2.30 -11.53
C PRO A 13 11.23 0.96 -11.03
N GLN A 14 12.38 1.01 -10.42
CA GLN A 14 12.96 -0.13 -9.80
C GLN A 14 12.50 -0.22 -8.33
N PRO A 15 12.53 -1.43 -7.76
CA PRO A 15 12.66 -1.54 -6.30
C PRO A 15 13.88 -0.79 -5.81
N PHE A 16 13.79 -0.26 -4.60
CA PHE A 16 14.94 0.42 -4.01
C PHE A 16 15.00 0.23 -2.50
N GLU A 17 16.23 0.32 -1.97
CA GLU A 17 16.51 0.17 -0.52
C GLU A 17 17.43 1.32 -0.01
N TYR A 18 17.16 1.77 1.22
CA TYR A 18 18.07 2.61 1.96
C TYR A 18 18.53 1.88 3.24
N GLU A 19 19.86 1.88 3.50
CA GLU A 19 20.40 1.23 4.71
C GLU A 19 20.10 2.08 5.90
N GLY A 20 19.70 1.43 7.00
CA GLY A 20 19.68 2.07 8.29
C GLY A 20 20.57 1.36 9.30
N THR A 21 20.18 1.42 10.58
CA THR A 21 20.96 0.83 11.66
C THR A 21 20.10 -0.10 12.53
N ASP A 22 19.21 0.46 13.33
CA ASP A 22 18.42 -0.37 14.28
C ASP A 22 17.04 -0.75 13.73
N THR A 23 16.41 0.19 13.06
CA THR A 23 15.03 0.02 12.65
C THR A 23 14.90 0.13 11.16
N GLY A 24 14.10 -0.76 10.58
CA GLY A 24 13.86 -0.79 9.14
C GLY A 24 12.38 -0.77 8.80
N VAL A 25 12.04 -0.22 7.61
CA VAL A 25 10.61 -0.02 7.18
C VAL A 25 10.33 -0.56 5.77
N VAL A 26 9.32 -1.44 5.67
CA VAL A 26 8.88 -1.94 4.38
C VAL A 26 7.66 -1.12 3.91
N LEU A 27 7.77 -0.55 2.69
CA LEU A 27 6.70 0.32 2.13
C LEU A 27 6.15 -0.29 0.86
N LEU A 28 4.87 -0.62 0.90
CA LEU A 28 4.23 -1.41 -0.17
C LEU A 28 3.30 -0.52 -0.94
N HIS A 29 3.45 -0.52 -2.25
CA HIS A 29 2.88 0.48 -3.09
C HIS A 29 1.43 0.09 -3.57
N ALA A 30 0.80 0.99 -4.30
CA ALA A 30 -0.63 0.85 -4.67
C ALA A 30 -0.80 0.11 -5.98
N TYR A 31 -2.05 -0.35 -6.21
CA TYR A 31 -2.45 -0.98 -7.44
C TYR A 31 -2.41 0.05 -8.62
N THR A 32 -1.83 -0.38 -9.74
CA THR A 32 -1.40 0.52 -10.83
C THR A 32 -0.30 1.55 -10.42
N GLY A 33 0.24 1.42 -9.22
CA GLY A 33 1.30 2.30 -8.78
C GLY A 33 2.67 1.70 -8.98
N SER A 34 3.61 2.14 -8.18
CA SER A 34 4.97 1.66 -8.29
C SER A 34 5.77 2.17 -7.06
N PRO A 35 7.08 1.82 -6.99
CA PRO A 35 7.93 2.36 -5.94
C PRO A 35 7.91 3.90 -5.85
N ASN A 36 7.60 4.57 -6.97
CA ASN A 36 7.50 6.05 -6.98
C ASN A 36 6.46 6.51 -5.99
N ASP A 37 5.42 5.70 -5.78
CA ASP A 37 4.41 6.00 -4.74
C ASP A 37 5.11 6.43 -3.45
N MET A 38 6.28 5.83 -3.17
CA MET A 38 6.88 5.90 -1.84
C MET A 38 8.15 6.78 -1.80
N ASN A 39 8.43 7.50 -2.91
CA ASN A 39 9.66 8.30 -3.02
C ASN A 39 9.84 9.33 -1.86
N PHE A 40 8.82 10.17 -1.61
CA PHE A 40 8.88 11.17 -0.52
C PHE A 40 8.98 10.49 0.81
N MET A 41 8.14 9.47 0.99
CA MET A 41 8.02 8.80 2.28
C MET A 41 9.32 8.13 2.63
N ALA A 42 9.79 7.26 1.74
CA ALA A 42 11.02 6.58 1.93
C ALA A 42 12.13 7.59 2.36
N ARG A 43 12.21 8.71 1.64
CA ARG A 43 13.26 9.71 1.90
C ARG A 43 13.03 10.43 3.25
N ALA A 44 11.78 10.73 3.58
CA ALA A 44 11.45 11.21 4.89
C ALA A 44 11.99 10.29 5.94
N LEU A 45 11.85 8.99 5.74
CA LEU A 45 12.28 8.00 6.74
C LEU A 45 13.76 7.93 6.76
N GLN A 46 14.38 8.06 5.59
CA GLN A 46 15.85 8.11 5.52
C GLN A 46 16.43 9.31 6.30
N ARG A 47 15.82 10.49 6.15
CA ARG A 47 16.31 11.70 6.90
C ARG A 47 16.24 11.48 8.40
N SER A 48 15.30 10.65 8.85
CA SER A 48 15.20 10.31 10.29
C SER A 48 15.91 8.96 10.71
N GLY A 49 16.73 8.42 9.84
CA GLY A 49 17.71 7.45 10.24
C GLY A 49 17.20 6.03 10.12
N TYR A 50 16.03 5.87 9.50
CA TYR A 50 15.50 4.56 9.26
C TYR A 50 16.03 3.98 7.97
N GLY A 51 16.18 2.66 7.97
CA GLY A 51 16.23 1.89 6.76
C GLY A 51 14.86 1.71 6.13
N VAL A 52 14.85 1.52 4.79
CA VAL A 52 13.63 1.47 4.01
C VAL A 52 13.81 0.54 2.82
N TYR A 53 12.80 -0.31 2.58
CA TYR A 53 12.77 -1.14 1.40
C TYR A 53 11.42 -1.04 0.69
N VAL A 54 11.47 -0.73 -0.61
CA VAL A 54 10.27 -0.57 -1.42
C VAL A 54 10.32 -1.49 -2.60
N PRO A 55 9.66 -2.65 -2.48
CA PRO A 55 9.68 -3.59 -3.56
C PRO A 55 8.74 -3.17 -4.68
N LEU A 56 8.90 -3.81 -5.86
CA LEU A 56 8.01 -3.65 -7.00
C LEU A 56 7.13 -4.86 -7.15
N PHE A 57 5.81 -4.66 -7.21
CA PHE A 57 4.85 -5.81 -7.37
C PHE A 57 4.83 -6.28 -8.85
N SER A 58 4.71 -7.58 -9.07
CA SER A 58 4.72 -8.12 -10.44
C SER A 58 3.65 -7.47 -11.24
N GLY A 59 3.93 -7.22 -12.53
CA GLY A 59 2.97 -6.64 -13.46
C GLY A 59 3.05 -5.13 -13.48
N HIS A 60 3.65 -4.56 -12.45
CA HIS A 60 3.65 -3.11 -12.25
C HIS A 60 4.93 -2.49 -12.80
N GLY A 61 4.83 -1.25 -13.19
CA GLY A 61 6.02 -0.46 -13.45
C GLY A 61 6.53 -0.58 -14.88
N THR A 62 5.65 -1.02 -15.78
CA THR A 62 5.99 -1.07 -17.22
C THR A 62 5.15 -0.06 -17.98
N VAL A 63 5.28 -0.04 -19.29
CA VAL A 63 4.57 0.96 -20.12
C VAL A 63 3.24 0.40 -20.59
N GLU A 64 3.01 -0.85 -20.18
CA GLU A 64 1.95 -1.66 -20.66
C GLU A 64 1.03 -2.07 -19.49
N PRO A 65 -0.17 -1.44 -19.40
CA PRO A 65 -1.09 -1.63 -18.28
C PRO A 65 -1.63 -3.04 -18.17
N LEU A 66 -1.61 -3.79 -19.27
CA LEU A 66 -2.11 -5.18 -19.27
C LEU A 66 -1.24 -6.07 -18.40
N ASP A 67 0.02 -5.67 -18.26
CA ASP A 67 0.98 -6.46 -17.53
C ASP A 67 0.46 -6.65 -16.08
N ILE A 68 -0.18 -5.62 -15.57
CA ILE A 68 -0.77 -5.67 -14.23
C ILE A 68 -1.82 -6.76 -14.17
N LEU A 69 -2.65 -6.82 -15.22
CA LEU A 69 -3.79 -7.76 -15.25
C LEU A 69 -3.37 -9.19 -15.57
N THR A 70 -2.28 -9.35 -16.31
CA THR A 70 -1.91 -10.66 -16.89
C THR A 70 -0.66 -11.24 -16.22
N LYS A 71 0.16 -10.37 -15.62
CA LYS A 71 1.40 -10.82 -14.99
C LYS A 71 1.40 -10.72 -13.44
N GLY A 72 0.37 -10.10 -12.89
CA GLY A 72 0.25 -9.97 -11.48
C GLY A 72 -1.07 -10.53 -10.96
N ASN A 73 -1.04 -10.95 -9.69
CA ASN A 73 -2.25 -11.26 -8.97
C ASN A 73 -2.00 -11.20 -7.46
N PRO A 74 -3.09 -11.21 -6.68
CA PRO A 74 -2.94 -10.98 -5.24
C PRO A 74 -2.06 -12.00 -4.54
N ASP A 75 -2.01 -13.23 -5.06
CA ASP A 75 -1.27 -14.26 -4.44
C ASP A 75 0.22 -14.04 -4.67
N ILE A 76 0.56 -13.65 -5.90
CA ILE A 76 1.95 -13.30 -6.22
C ILE A 76 2.42 -12.11 -5.38
N TRP A 77 1.55 -11.09 -5.28
CA TRP A 77 1.90 -9.82 -4.56
C TRP A 77 2.00 -10.05 -3.07
N TRP A 78 1.25 -11.01 -2.57
CA TRP A 78 1.35 -11.41 -1.16
C TRP A 78 2.68 -12.15 -0.90
N ALA A 79 3.09 -13.03 -1.83
CA ALA A 79 4.46 -13.64 -1.75
C ALA A 79 5.57 -12.57 -1.72
N GLU A 80 5.44 -11.59 -2.60
CA GLU A 80 6.47 -10.60 -2.75
C GLU A 80 6.52 -9.67 -1.51
N SER A 81 5.35 -9.42 -0.92
CA SER A 81 5.26 -8.63 0.29
C SER A 81 5.94 -9.37 1.42
N SER A 82 5.60 -10.63 1.58
CA SER A 82 6.17 -11.42 2.63
C SER A 82 7.67 -11.68 2.43
N ALA A 83 8.15 -11.79 1.18
CA ALA A 83 9.63 -11.82 0.93
C ALA A 83 10.31 -10.46 1.35
N ALA A 84 9.58 -9.39 1.23
CA ALA A 84 10.14 -8.06 1.49
C ALA A 84 10.22 -7.80 2.98
N VAL A 85 9.21 -8.26 3.71
CA VAL A 85 9.29 -8.29 5.14
C VAL A 85 10.45 -9.20 5.66
N ALA A 86 10.57 -10.42 5.15
CA ALA A 86 11.67 -11.33 5.57
C ALA A 86 13.06 -10.69 5.32
N HIS A 87 13.24 -10.09 4.15
CA HIS A 87 14.45 -9.34 3.83
C HIS A 87 14.79 -8.39 4.99
N MET A 88 13.81 -7.71 5.52
CA MET A 88 14.09 -6.63 6.43
C MET A 88 14.20 -7.14 7.88
N THR A 89 13.48 -8.21 8.21
CA THR A 89 13.47 -8.70 9.55
C THR A 89 14.78 -9.49 9.85
N ALA A 90 15.45 -9.95 8.80
CA ALA A 90 16.76 -10.58 8.96
C ALA A 90 17.83 -9.59 9.33
N LYS A 91 17.55 -8.31 9.11
CA LYS A 91 18.58 -7.25 9.06
C LYS A 91 18.52 -6.37 10.30
N TYR A 92 17.30 -5.98 10.65
CA TYR A 92 17.09 -4.85 11.57
C TYR A 92 16.52 -5.35 12.85
N ALA A 93 16.88 -4.70 13.97
CA ALA A 93 16.31 -5.09 15.25
C ALA A 93 14.79 -4.94 15.21
N LYS A 94 14.33 -3.86 14.64
CA LYS A 94 12.89 -3.57 14.58
C LYS A 94 12.48 -3.25 13.14
N VAL A 95 11.32 -3.75 12.77
CA VAL A 95 10.80 -3.59 11.43
C VAL A 95 9.30 -3.16 11.46
N PHE A 96 9.00 -2.09 10.73
CA PHE A 96 7.64 -1.64 10.52
C PHE A 96 7.24 -1.92 9.09
N VAL A 97 5.95 -2.11 8.89
CA VAL A 97 5.42 -2.40 7.56
C VAL A 97 4.19 -1.54 7.30
N PHE A 98 4.27 -0.71 6.26
CA PHE A 98 3.16 0.18 5.85
C PHE A 98 2.85 -0.02 4.36
N GLY A 99 1.60 0.21 3.98
CA GLY A 99 1.18 0.05 2.62
C GLY A 99 0.09 1.05 2.21
N LEU A 100 0.22 1.52 0.96
CA LEU A 100 -0.78 2.42 0.30
C LEU A 100 -1.78 1.55 -0.43
N SER A 101 -3.07 1.77 -0.15
CA SER A 101 -4.16 1.08 -0.88
C SER A 101 -3.92 -0.45 -1.00
N LEU A 102 -3.62 -0.94 -2.17
CA LEU A 102 -3.34 -2.40 -2.37
C LEU A 102 -2.28 -2.91 -1.38
N GLY A 103 -1.19 -2.16 -1.27
CA GLY A 103 -0.09 -2.50 -0.38
C GLY A 103 -0.54 -2.57 1.08
N GLY A 104 -1.54 -1.75 1.46
CA GLY A 104 -2.07 -1.75 2.84
C GLY A 104 -2.70 -3.09 3.25
N ILE A 105 -3.47 -3.69 2.34
CA ILE A 105 -4.00 -5.01 2.56
C ILE A 105 -2.90 -5.96 2.92
N PHE A 106 -1.86 -6.01 2.09
CA PHE A 106 -0.74 -6.89 2.37
C PHE A 106 0.00 -6.48 3.71
N ALA A 107 0.08 -5.18 4.01
CA ALA A 107 0.70 -4.73 5.27
C ALA A 107 -0.11 -5.29 6.47
N MET A 108 -1.45 -5.29 6.37
CA MET A 108 -2.28 -5.74 7.47
C MET A 108 -2.23 -7.26 7.60
N LYS A 109 -2.12 -7.94 6.48
CA LYS A 109 -1.98 -9.41 6.50
C LYS A 109 -0.62 -9.85 7.11
N ALA A 110 0.40 -9.09 6.81
CA ALA A 110 1.70 -9.29 7.44
C ALA A 110 1.57 -9.23 8.93
N LEU A 111 0.92 -8.20 9.44
CA LEU A 111 0.77 -8.02 10.87
C LEU A 111 -0.06 -9.14 11.44
N GLU A 112 -1.01 -9.62 10.66
CA GLU A 112 -1.89 -10.71 11.11
C GLU A 112 -1.11 -12.06 11.19
N THR A 113 -0.21 -12.32 10.23
CA THR A 113 0.23 -13.69 9.94
C THR A 113 1.80 -13.89 9.98
N LEU A 114 2.57 -12.82 9.89
CA LEU A 114 4.04 -12.98 9.75
C LEU A 114 4.72 -12.57 11.00
N PRO A 115 5.80 -13.31 11.35
CA PRO A 115 6.51 -13.10 12.62
C PRO A 115 7.48 -11.94 12.52
N GLY A 116 7.71 -11.28 13.63
CA GLY A 116 8.86 -10.37 13.72
C GLY A 116 8.58 -8.88 13.38
N ILE A 117 7.32 -8.54 13.30
CA ILE A 117 6.96 -7.20 13.01
C ILE A 117 6.61 -6.46 14.29
N THR A 118 7.22 -5.28 14.45
CA THR A 118 6.98 -4.44 15.64
C THR A 118 5.59 -3.75 15.51
N ALA A 119 5.35 -3.13 14.36
CA ALA A 119 4.12 -2.38 14.12
C ALA A 119 4.02 -2.03 12.63
N GLY A 120 2.91 -1.44 12.25
CA GLY A 120 2.63 -1.18 10.87
C GLY A 120 1.29 -0.55 10.67
N GLY A 121 0.86 -0.45 9.41
CA GLY A 121 -0.45 0.10 9.11
C GLY A 121 -0.69 0.43 7.64
N VAL A 122 -1.61 1.37 7.40
CA VAL A 122 -2.14 1.60 6.10
C VAL A 122 -2.21 3.10 5.77
N PHE A 123 -1.88 3.43 4.53
CA PHE A 123 -2.27 4.71 3.96
C PHE A 123 -3.42 4.49 2.92
N SER A 124 -4.52 5.21 3.09
CA SER A 124 -5.68 5.06 2.25
C SER A 124 -5.94 3.59 1.84
N SER A 125 -6.21 2.75 2.84
CA SER A 125 -6.55 1.31 2.60
C SER A 125 -7.46 0.79 3.72
N PRO A 126 -8.75 0.98 3.58
CA PRO A 126 -9.72 0.59 4.60
C PRO A 126 -9.85 -0.93 4.72
N ILE A 127 -9.38 -1.64 3.69
CA ILE A 127 -9.35 -3.13 3.69
C ILE A 127 -10.75 -3.72 3.40
N LEU A 128 -11.70 -3.54 4.34
CA LEU A 128 -13.12 -3.88 4.10
C LEU A 128 -13.53 -3.38 2.69
N PRO A 129 -13.90 -4.30 1.80
CA PRO A 129 -14.37 -3.91 0.45
C PRO A 129 -15.61 -3.01 0.52
N GLY A 130 -15.76 -2.12 -0.47
CA GLY A 130 -16.81 -1.12 -0.42
C GLY A 130 -17.12 -0.52 -1.76
N LYS A 131 -17.74 0.64 -1.72
CA LYS A 131 -17.92 1.43 -2.90
C LYS A 131 -16.59 2.09 -3.32
N HIS A 132 -16.07 1.69 -4.48
CA HIS A 132 -14.80 2.21 -4.97
C HIS A 132 -14.87 2.64 -6.45
N HIS A 133 -13.84 3.35 -6.87
CA HIS A 133 -13.79 3.92 -8.21
C HIS A 133 -12.53 3.47 -8.92
N LEU A 134 -12.24 2.17 -8.81
CA LEU A 134 -11.00 1.62 -9.32
C LEU A 134 -11.10 1.28 -10.81
N VAL A 135 -12.32 1.04 -11.29
CA VAL A 135 -12.53 0.80 -12.71
C VAL A 135 -12.25 2.06 -13.55
N PRO A 136 -12.90 3.16 -13.25
CA PRO A 136 -12.53 4.44 -13.89
C PRO A 136 -11.05 4.83 -13.66
N GLY A 137 -10.58 4.67 -12.44
CA GLY A 137 -9.18 4.92 -12.12
C GLY A 137 -8.22 4.13 -12.97
N PHE A 138 -8.38 2.81 -13.02
CA PHE A 138 -7.52 1.97 -13.88
C PHE A 138 -7.53 2.44 -15.34
N LEU A 139 -8.71 2.69 -15.89
CA LEU A 139 -8.84 3.01 -17.33
C LEU A 139 -8.18 4.32 -17.62
N LYS A 140 -8.38 5.27 -16.73
CA LYS A 140 -7.73 6.57 -16.84
C LYS A 140 -6.19 6.45 -16.80
N TYR A 141 -5.70 5.69 -15.82
CA TYR A 141 -4.30 5.30 -15.78
C TYR A 141 -3.84 4.70 -17.14
N ALA A 142 -4.55 3.67 -17.63
CA ALA A 142 -4.19 3.00 -18.90
C ALA A 142 -4.19 3.98 -20.03
N GLU A 143 -5.16 4.88 -20.01
CA GLU A 143 -5.32 5.91 -21.03
C GLU A 143 -4.11 6.86 -21.06
N TYR A 144 -3.69 7.33 -19.88
CA TYR A 144 -2.48 8.17 -19.76
C TYR A 144 -1.22 7.42 -20.23
N MET A 145 -1.10 6.16 -19.84
CA MET A 145 0.10 5.39 -20.13
C MET A 145 0.21 5.17 -21.63
N ASN A 146 -0.92 4.85 -22.27
CA ASN A 146 -0.96 4.66 -23.71
C ASN A 146 -0.69 5.93 -24.50
N ARG A 147 -1.25 7.04 -24.06
CA ARG A 147 -0.97 8.33 -24.67
C ARG A 147 0.55 8.58 -24.65
N LEU A 148 1.14 8.19 -23.53
CA LEU A 148 2.55 8.44 -23.27
C LEU A 148 3.41 7.65 -24.23
N ALA A 149 2.96 6.43 -24.53
CA ALA A 149 3.78 5.46 -25.29
C ALA A 149 3.38 5.46 -26.77
N GLY A 150 2.32 6.19 -27.09
CA GLY A 150 1.80 6.20 -28.44
C GLY A 150 1.32 4.82 -28.83
N LYS A 151 0.67 4.13 -27.90
CA LYS A 151 0.05 2.84 -28.17
C LYS A 151 -1.46 3.00 -28.22
N SER A 152 -2.09 2.27 -29.10
CA SER A 152 -3.50 2.47 -29.36
C SER A 152 -4.31 1.97 -28.17
N ASP A 153 -5.32 2.74 -27.78
CA ASP A 153 -6.23 2.35 -26.73
C ASP A 153 -6.36 0.84 -26.57
N GLU A 154 -6.65 0.41 -25.34
CA GLU A 154 -6.61 -1.01 -24.98
C GLU A 154 -7.79 -1.40 -24.06
N SER A 155 -8.84 -0.56 -24.08
CA SER A 155 -9.91 -0.62 -23.08
C SER A 155 -10.65 -1.94 -23.12
N THR A 156 -10.80 -2.52 -24.32
CA THR A 156 -11.58 -3.74 -24.49
C THR A 156 -10.88 -4.94 -23.83
N GLN A 157 -9.59 -5.09 -24.05
CA GLN A 157 -8.84 -6.22 -23.44
C GLN A 157 -8.66 -5.99 -21.94
N ILE A 158 -8.64 -4.72 -21.54
CA ILE A 158 -8.57 -4.41 -20.11
C ILE A 158 -9.86 -4.87 -19.39
N LEU A 159 -10.99 -4.73 -20.07
CA LEU A 159 -12.29 -5.02 -19.46
C LEU A 159 -12.58 -6.49 -19.44
N ALA A 160 -11.78 -7.27 -20.16
CA ALA A 160 -11.85 -8.75 -20.06
C ALA A 160 -11.19 -9.26 -18.79
N TYR A 161 -10.24 -8.48 -18.25
CA TYR A 161 -9.49 -8.92 -17.02
C TYR A 161 -9.86 -8.14 -15.77
N LEU A 162 -10.15 -6.86 -15.93
CA LEU A 162 -10.16 -5.96 -14.81
C LEU A 162 -11.19 -6.43 -13.75
N PRO A 163 -12.46 -6.70 -14.19
CA PRO A 163 -13.44 -7.22 -13.23
C PRO A 163 -12.90 -8.42 -12.48
N GLY A 164 -12.29 -9.36 -13.21
CA GLY A 164 -11.72 -10.54 -12.60
C GLY A 164 -10.70 -10.19 -11.52
N GLN A 165 -9.80 -9.29 -11.83
CA GLN A 165 -8.68 -9.03 -10.92
C GLN A 165 -9.12 -8.16 -9.75
N LEU A 166 -10.07 -7.27 -9.98
CA LEU A 166 -10.64 -6.53 -8.90
C LEU A 166 -11.38 -7.46 -7.96
N ALA A 167 -12.03 -8.47 -8.53
CA ALA A 167 -12.73 -9.46 -7.71
C ALA A 167 -11.72 -10.24 -6.82
N ALA A 168 -10.61 -10.67 -7.41
CA ALA A 168 -9.57 -11.44 -6.69
C ALA A 168 -8.97 -10.60 -5.57
N ILE A 169 -8.74 -9.32 -5.86
CA ILE A 169 -8.30 -8.39 -4.82
C ILE A 169 -9.29 -8.36 -3.63
N ASP A 170 -10.58 -8.21 -3.93
CA ASP A 170 -11.58 -8.07 -2.89
C ASP A 170 -11.64 -9.32 -2.08
N GLN A 171 -11.60 -10.44 -2.78
CA GLN A 171 -11.62 -11.71 -2.15
C GLN A 171 -10.47 -11.85 -1.18
N PHE A 172 -9.28 -11.55 -1.65
CA PHE A 172 -8.10 -11.50 -0.79
C PHE A 172 -8.31 -10.54 0.40
N ALA A 173 -8.90 -9.38 0.12
CA ALA A 173 -9.13 -8.38 1.13
C ALA A 173 -10.04 -8.91 2.25
N THR A 174 -11.07 -9.69 1.88
CA THR A 174 -12.12 -10.06 2.86
C THR A 174 -11.55 -11.05 3.89
N THR A 175 -10.60 -11.87 3.44
CA THR A 175 -9.88 -12.72 4.33
C THR A 175 -9.04 -11.92 5.28
N VAL A 176 -8.41 -10.89 4.77
CA VAL A 176 -7.63 -10.02 5.62
C VAL A 176 -8.55 -9.32 6.63
N ALA A 177 -9.72 -8.89 6.16
CA ALA A 177 -10.68 -8.20 7.04
C ALA A 177 -11.15 -9.13 8.14
N ALA A 178 -11.35 -10.40 7.78
CA ALA A 178 -11.89 -11.39 8.73
C ALA A 178 -10.87 -11.68 9.84
N ASP A 179 -9.59 -11.55 9.51
CA ASP A 179 -8.49 -11.90 10.43
C ASP A 179 -7.96 -10.68 11.17
N LEU A 180 -8.64 -9.56 11.06
CA LEU A 180 -8.17 -8.32 11.74
C LEU A 180 -8.08 -8.53 13.29
N ASN A 181 -8.83 -9.52 13.77
CA ASN A 181 -8.86 -9.85 15.20
C ASN A 181 -7.48 -10.37 15.66
N LEU A 182 -6.69 -10.86 14.71
CA LEU A 182 -5.40 -11.46 15.03
C LEU A 182 -4.30 -10.41 15.20
N VAL A 183 -4.59 -9.15 14.91
CA VAL A 183 -3.56 -8.10 15.05
C VAL A 183 -3.40 -7.63 16.50
N LYS A 184 -2.16 -7.76 16.99
CA LYS A 184 -1.81 -7.38 18.38
C LYS A 184 -0.88 -6.15 18.38
N GLN A 185 -0.25 -5.91 17.24
CA GLN A 185 0.69 -4.78 17.08
C GLN A 185 -0.02 -3.47 17.11
N PRO A 186 0.68 -2.40 17.50
CA PRO A 186 0.27 -1.00 17.20
C PRO A 186 0.08 -0.76 15.71
N THR A 187 -1.10 -0.21 15.34
CA THR A 187 -1.48 -0.05 13.94
C THR A 187 -1.79 1.41 13.59
N PHE A 188 -1.14 1.87 12.52
CA PHE A 188 -1.33 3.21 12.00
C PHE A 188 -2.41 3.17 10.91
N ILE A 189 -3.38 4.09 11.01
CA ILE A 189 -4.34 4.29 9.90
C ILE A 189 -4.33 5.76 9.44
N GLY A 190 -3.87 5.98 8.21
CA GLY A 190 -4.04 7.21 7.54
C GLY A 190 -5.02 7.09 6.38
N GLN A 191 -5.92 8.06 6.28
CA GLN A 191 -6.97 8.04 5.25
C GLN A 191 -7.12 9.41 4.65
N ALA A 192 -7.22 9.46 3.33
CA ALA A 192 -7.49 10.71 2.59
C ALA A 192 -8.97 11.15 2.77
N GLY A 193 -9.18 12.44 2.99
CA GLY A 193 -10.52 12.96 3.36
C GLY A 193 -11.36 13.35 2.14
N GLN A 194 -10.71 13.45 0.97
CA GLN A 194 -11.40 13.60 -0.28
C GLN A 194 -11.01 12.48 -1.23
N ASP A 195 -11.00 11.26 -0.72
CA ASP A 195 -10.52 10.13 -1.49
C ASP A 195 -11.47 9.85 -2.64
N GLU A 196 -10.94 9.92 -3.86
CA GLU A 196 -11.76 9.75 -5.04
C GLU A 196 -11.76 8.31 -5.61
N LEU A 197 -11.11 7.37 -4.91
CA LEU A 197 -10.91 6.01 -5.47
C LEU A 197 -11.45 4.90 -4.58
N VAL A 198 -11.20 4.99 -3.28
CA VAL A 198 -11.82 4.09 -2.33
C VAL A 198 -12.66 4.84 -1.33
N ASP A 199 -13.48 4.09 -0.60
CA ASP A 199 -14.47 4.66 0.31
C ASP A 199 -13.84 4.89 1.68
N GLY A 200 -13.44 6.13 1.93
CA GLY A 200 -12.72 6.45 3.13
C GLY A 200 -13.47 6.07 4.42
N ARG A 201 -14.79 6.22 4.35
CA ARG A 201 -15.68 5.85 5.43
C ARG A 201 -15.18 4.60 6.09
N LEU A 202 -14.88 3.61 5.26
CA LEU A 202 -14.68 2.25 5.72
C LEU A 202 -13.40 2.14 6.62
N ALA A 203 -12.59 3.20 6.64
CA ALA A 203 -11.40 3.25 7.52
C ALA A 203 -11.80 3.25 9.03
N TYR A 204 -13.00 3.77 9.33
CA TYR A 204 -13.48 3.80 10.69
C TYR A 204 -13.86 2.41 11.12
N GLN A 205 -14.28 1.60 10.17
CA GLN A 205 -14.62 0.26 10.46
C GLN A 205 -13.35 -0.64 10.57
N LEU A 206 -12.31 -0.31 9.78
CA LEU A 206 -11.00 -0.93 9.96
C LEU A 206 -10.52 -0.66 11.40
N ARG A 207 -10.63 0.61 11.82
CA ARG A 207 -10.35 1.00 13.17
C ARG A 207 -11.06 0.08 14.18
N ASP A 208 -12.35 -0.16 13.97
CA ASP A 208 -13.21 -0.77 15.03
C ASP A 208 -13.01 -2.27 15.08
N ALA A 209 -12.57 -2.83 13.95
CA ALA A 209 -12.37 -4.28 13.86
C ALA A 209 -11.07 -4.70 14.58
N LEU A 210 -10.19 -3.75 14.84
CA LEU A 210 -8.86 -4.07 15.34
C LEU A 210 -8.90 -4.18 16.87
N ILE A 211 -9.69 -5.13 17.34
CA ILE A 211 -10.15 -5.13 18.72
C ILE A 211 -9.03 -5.56 19.66
N ASN A 212 -8.00 -6.21 19.09
CA ASN A 212 -6.87 -6.74 19.91
C ASN A 212 -5.54 -5.99 19.71
N ALA A 213 -5.55 -4.97 18.87
CA ALA A 213 -4.32 -4.21 18.59
C ALA A 213 -3.91 -3.42 19.84
N ALA A 214 -2.60 -3.23 20.03
CA ALA A 214 -2.09 -2.61 21.25
C ALA A 214 -2.51 -1.16 21.27
N ARG A 215 -2.40 -0.49 20.13
CA ARG A 215 -3.14 0.74 19.89
C ARG A 215 -3.50 0.87 18.43
N VAL A 216 -4.45 1.75 18.15
CA VAL A 216 -4.72 2.20 16.82
C VAL A 216 -4.54 3.72 16.71
N ASP A 217 -3.55 4.15 15.95
CA ASP A 217 -3.27 5.57 15.73
C ASP A 217 -3.88 6.05 14.40
N PHE A 218 -4.96 6.82 14.51
CA PHE A 218 -5.87 7.06 13.39
C PHE A 218 -5.77 8.54 12.95
N HIS A 219 -5.53 8.77 11.66
CA HIS A 219 -5.40 10.12 11.14
C HIS A 219 -6.19 10.28 9.89
N TRP A 220 -6.76 11.46 9.74
CA TRP A 220 -7.64 11.77 8.65
C TRP A 220 -7.13 13.03 8.02
N TYR A 221 -6.88 12.98 6.71
CA TYR A 221 -6.18 14.06 6.03
C TYR A 221 -7.18 14.83 5.16
N ASP A 222 -7.66 15.96 5.69
CA ASP A 222 -9.05 16.50 5.39
C ASP A 222 -9.31 16.74 3.88
N ASP A 223 -8.38 17.42 3.23
CA ASP A 223 -8.63 17.93 1.85
C ASP A 223 -7.88 17.09 0.79
N ALA A 224 -7.29 15.98 1.22
CA ALA A 224 -6.36 15.27 0.37
C ALA A 224 -7.08 14.25 -0.46
N LYS A 225 -6.64 14.11 -1.67
CA LYS A 225 -7.03 13.01 -2.47
C LYS A 225 -6.24 11.72 -2.07
N HIS A 226 -6.46 10.65 -2.81
CA HIS A 226 -6.14 9.25 -2.36
C HIS A 226 -4.62 9.07 -1.99
N VAL A 227 -3.74 9.41 -2.93
CA VAL A 227 -2.31 9.09 -2.79
C VAL A 227 -1.64 10.09 -1.88
N ILE A 228 -1.90 9.91 -0.59
CA ILE A 228 -1.51 10.86 0.38
C ILE A 228 0.01 10.78 0.65
N THR A 229 0.68 9.80 0.06
CA THR A 229 2.13 9.68 0.16
C THR A 229 2.83 10.67 -0.81
N VAL A 230 2.07 11.21 -1.74
CA VAL A 230 2.63 12.02 -2.80
C VAL A 230 2.00 13.46 -2.84
N ASN A 231 0.69 13.55 -2.52
CA ASN A 231 0.00 14.81 -2.65
C ASN A 231 0.16 15.63 -1.41
N SER A 232 -0.68 16.64 -1.28
CA SER A 232 -0.41 17.76 -0.36
C SER A 232 -0.40 17.31 1.09
N ALA A 233 -0.96 16.13 1.35
CA ALA A 233 -1.03 15.55 2.72
C ALA A 233 0.36 14.99 3.20
N HIS A 234 1.32 14.79 2.26
CA HIS A 234 2.42 13.84 2.46
C HIS A 234 3.39 14.31 3.56
N HIS A 235 3.45 15.63 3.77
CA HIS A 235 4.30 16.17 4.85
C HIS A 235 3.72 15.84 6.20
N ALA A 236 2.40 15.98 6.32
CA ALA A 236 1.73 15.62 7.56
C ALA A 236 1.81 14.16 7.79
N LEU A 237 1.55 13.37 6.73
CA LEU A 237 1.60 11.94 6.85
C LEU A 237 2.93 11.48 7.35
N GLU A 238 3.99 12.05 6.78
CA GLU A 238 5.34 11.69 7.17
C GLU A 238 5.60 11.97 8.64
N GLU A 239 5.17 13.15 9.09
CA GLU A 239 5.30 13.52 10.50
C GLU A 239 4.60 12.52 11.40
N ASP A 240 3.37 12.19 11.02
CA ASP A 240 2.53 11.31 11.82
C ASP A 240 3.12 9.88 11.89
N VAL A 241 3.57 9.37 10.75
CA VAL A 241 4.13 7.99 10.67
C VAL A 241 5.41 7.89 11.51
N ILE A 242 6.19 8.94 11.49
CA ILE A 242 7.48 8.95 12.19
C ILE A 242 7.27 9.12 13.69
N ALA A 243 6.34 10.01 14.07
CA ALA A 243 5.88 10.11 15.46
C ALA A 243 5.30 8.78 15.95
N PHE A 244 4.56 8.08 15.08
CA PHE A 244 4.05 6.73 15.40
C PHE A 244 5.17 5.76 15.72
N MET A 245 6.18 5.75 14.88
CA MET A 245 7.28 4.81 15.02
C MET A 245 8.09 5.13 16.27
N GLN A 246 8.30 6.42 16.53
CA GLN A 246 9.06 6.86 17.71
C GLN A 246 8.35 6.44 18.99
N GLN A 247 7.03 6.52 18.98
CA GLN A 247 6.24 6.17 20.12
C GLN A 247 6.41 4.68 20.45
N GLU A 248 6.88 3.92 19.48
CA GLU A 248 7.06 2.51 19.66
C GLU A 248 8.49 2.08 19.43
C1 DEP B . -7.11 -1.01 -3.37
C2 DEP B . -7.58 -2.36 -3.93
C3 DEP B . -5.24 2.73 -6.15
C4 DEP B . -5.74 2.45 -7.56
O1 DEP B . -6.71 -0.16 -4.45
O2 DEP B . -6.10 2.07 -5.21
O3 DEP B . -4.14 0.29 -4.80
P DEP B . -5.53 0.88 -4.29
#